data_5CD2
#
_entry.id   5CD2
#
_cell.length_a   55.563
_cell.length_b   67.489
_cell.length_c   101.192
_cell.angle_alpha   90.00
_cell.angle_beta   90.00
_cell.angle_gamma   90.00
#
_symmetry.space_group_name_H-M   'P 21 21 21'
#
loop_
_entity.id
_entity.type
_entity.pdbx_description
1 polymer Endo-1,4-D-glucanase
2 non-polymer GLYCEROL
3 non-polymer 'CHLORIDE ION'
4 non-polymer 'NICKEL (II) ION'
5 water water
#
_entity_poly.entity_id   1
_entity_poly.type   'polypeptide(L)'
_entity_poly.pdbx_seq_one_letter_code
;SNAQDENYTTPIVSSAALTKENQCEWGQWESFKQHYIENGRVVDNSDPRLITTSEGQSYALFFALIANDKKTFDELLGWT
ELHLAGGDLTAQLPAWLWGTQPDGSQGILDSNSAADSDLWIAYSLLEAGRLWDNHYYQSLGHLLASRILRDETIKVSGLG
TVLLPGKVGFVLGKNHVRLNPSYVPLQLLTR(MSE)NTVFPSYQWEEIYQSSAKLLKET(MSE)PKGYSPDWVEWDKTQF
KKDSKAQSVGSYNAIRVYLWAG(MSE)LPDSDPNKALLLGK(MSE)KPLLRVIERNKG(MSE)PETINVLTGKGKNQGGV
G(MSE)NAAILPLLSSLDSNTNVAEYEKKIQAELPKIESDYYYNSVLTLFGLGWYQDLYSFNDDGSVTPKWVNVCQ
;
_entity_poly.pdbx_strand_id   A
#
loop_
_chem_comp.id
_chem_comp.type
_chem_comp.name
_chem_comp.formula
CL non-polymer 'CHLORIDE ION' 'Cl -1'
GOL non-polymer GLYCEROL 'C3 H8 O3'
NI non-polymer 'NICKEL (II) ION' 'Ni 2'
#
# COMPACT_ATOMS: atom_id res chain seq x y z
N GLU A 25 -10.63 -11.76 17.78
CA GLU A 25 -9.40 -12.52 17.63
C GLU A 25 -8.19 -11.62 17.30
N TRP A 26 -8.38 -10.64 16.42
CA TRP A 26 -7.35 -9.61 16.22
C TRP A 26 -7.87 -8.33 16.87
N GLY A 27 -7.44 -8.05 18.08
CA GLY A 27 -7.94 -6.91 18.84
C GLY A 27 -7.88 -5.57 18.13
N GLN A 28 -6.74 -5.28 17.51
CA GLN A 28 -6.55 -4.02 16.81
C GLN A 28 -7.53 -3.89 15.63
N TRP A 29 -7.82 -5.00 14.98
CA TRP A 29 -8.80 -4.99 13.89
C TRP A 29 -10.20 -4.75 14.45
N GLU A 30 -10.53 -5.39 15.57
CA GLU A 30 -11.84 -5.19 16.18
C GLU A 30 -12.02 -3.72 16.53
N SER A 31 -10.97 -3.10 17.06
CA SER A 31 -10.99 -1.68 17.36
C SER A 31 -11.15 -0.84 16.11
N PHE A 32 -10.42 -1.17 15.05
CA PHE A 32 -10.51 -0.42 13.81
C PHE A 32 -11.93 -0.43 13.26
N LYS A 33 -12.57 -1.61 13.25
CA LYS A 33 -13.95 -1.71 12.77
C LYS A 33 -14.86 -0.77 13.54
N GLN A 34 -14.76 -0.80 14.86
CA GLN A 34 -15.59 0.02 15.73
C GLN A 34 -15.44 1.52 15.44
N HIS A 35 -14.20 1.96 15.25
CA HIS A 35 -13.91 3.39 15.26
C HIS A 35 -13.71 4.00 13.88
N TYR A 36 -13.57 3.17 12.85
CA TYR A 36 -13.33 3.68 11.51
C TYR A 36 -14.30 3.16 10.44
N ILE A 37 -15.04 2.10 10.73
CA ILE A 37 -15.94 1.57 9.72
C ILE A 37 -17.40 1.84 10.07
N GLU A 38 -18.13 2.37 9.10
CA GLU A 38 -19.55 2.65 9.27
C GLU A 38 -20.31 2.01 8.14
N ASN A 39 -21.03 0.93 8.45
CA ASN A 39 -21.90 0.26 7.49
C ASN A 39 -21.20 -0.03 6.15
N GLY A 40 -20.00 -0.60 6.25
CA GLY A 40 -19.27 -1.03 5.07
C GLY A 40 -18.29 -0.03 4.47
N ARG A 41 -18.24 1.20 5.02
CA ARG A 41 -17.29 2.18 4.52
C ARG A 41 -16.28 2.62 5.57
N VAL A 42 -15.03 2.76 5.16
CA VAL A 42 -13.96 3.23 6.04
C VAL A 42 -13.94 4.75 6.01
N VAL A 43 -14.05 5.38 7.18
CA VAL A 43 -14.17 6.84 7.26
C VAL A 43 -12.89 7.50 7.76
N ASP A 44 -12.39 8.47 7.00
CA ASP A 44 -11.28 9.31 7.45
C ASP A 44 -11.84 10.67 7.82
N ASN A 45 -12.03 10.89 9.12
CA ASN A 45 -12.63 12.14 9.59
C ASN A 45 -11.64 13.31 9.72
N SER A 46 -10.40 13.11 9.29
CA SER A 46 -9.45 14.22 9.27
C SER A 46 -9.79 15.20 8.14
N ASP A 47 -10.59 14.74 7.19
CA ASP A 47 -11.13 15.58 6.13
C ASP A 47 -12.56 15.89 6.55
N PRO A 48 -12.93 17.18 6.58
CA PRO A 48 -14.27 17.53 7.08
C PRO A 48 -15.40 17.03 6.19
N ARG A 49 -15.06 16.53 5.01
CA ARG A 49 -16.05 15.93 4.13
C ARG A 49 -16.33 14.48 4.53
N LEU A 50 -15.69 14.04 5.62
CA LEU A 50 -15.91 12.70 6.19
C LEU A 50 -15.79 11.62 5.12
N ILE A 51 -14.58 11.53 4.57
CA ILE A 51 -14.38 10.83 3.31
C ILE A 51 -14.12 9.33 3.43
N THR A 52 -14.37 8.63 2.34
CA THR A 52 -13.93 7.26 2.16
C THR A 52 -13.08 7.25 0.90
N THR A 53 -11.95 6.54 0.96
CA THR A 53 -11.12 6.36 -0.21
C THR A 53 -11.11 4.91 -0.66
N SER A 54 -10.77 4.67 -1.92
CA SER A 54 -10.59 3.29 -2.36
C SER A 54 -9.42 2.66 -1.60
N GLU A 55 -8.46 3.48 -1.17
CA GLU A 55 -7.38 3.01 -0.31
C GLU A 55 -7.89 2.41 1.01
N GLY A 56 -8.74 3.16 1.70
CA GLY A 56 -9.31 2.69 2.95
C GLY A 56 -10.07 1.38 2.76
N GLN A 57 -10.89 1.33 1.73
CA GLN A 57 -11.62 0.10 1.41
C GLN A 57 -10.66 -1.07 1.16
N SER A 58 -9.60 -0.80 0.39
CA SER A 58 -8.67 -1.84 -0.01
C SER A 58 -7.92 -2.44 1.18
N TYR A 59 -7.50 -1.59 2.11
CA TYR A 59 -6.77 -2.02 3.29
C TYR A 59 -7.70 -2.80 4.22
N ALA A 60 -8.92 -2.29 4.38
CA ALA A 60 -9.90 -2.93 5.26
C ALA A 60 -10.29 -4.32 4.72
N LEU A 61 -10.38 -4.46 3.40
CA LEU A 61 -10.61 -5.77 2.81
C LEU A 61 -9.48 -6.73 3.15
N PHE A 62 -8.25 -6.28 2.98
CA PHE A 62 -7.10 -7.10 3.33
C PHE A 62 -7.11 -7.49 4.80
N PHE A 63 -7.34 -6.52 5.69
CA PHE A 63 -7.34 -6.80 7.12
C PHE A 63 -8.47 -7.74 7.51
N ALA A 64 -9.62 -7.60 6.85
CA ALA A 64 -10.75 -8.48 7.12
C ALA A 64 -10.39 -9.93 6.78
N LEU A 65 -9.71 -10.10 5.65
CA LEU A 65 -9.19 -11.42 5.26
C LEU A 65 -8.20 -11.97 6.29
N ILE A 66 -7.25 -11.14 6.71
CA ILE A 66 -6.26 -11.55 7.72
C ILE A 66 -6.97 -11.98 9.01
N ALA A 67 -8.05 -11.28 9.34
CA ALA A 67 -8.80 -11.57 10.57
C ALA A 67 -9.79 -12.73 10.45
N ASN A 68 -9.94 -13.27 9.24
CA ASN A 68 -10.93 -14.32 8.95
C ASN A 68 -12.35 -13.81 9.18
N ASP A 69 -12.55 -12.53 8.85
CA ASP A 69 -13.81 -11.83 9.06
C ASP A 69 -14.60 -11.72 7.76
N LYS A 70 -15.28 -12.81 7.40
CA LYS A 70 -16.05 -12.89 6.16
C LYS A 70 -17.18 -11.86 6.11
N LYS A 71 -17.81 -11.62 7.26
CA LYS A 71 -18.95 -10.71 7.30
C LYS A 71 -18.53 -9.29 6.94
N THR A 72 -17.47 -8.81 7.56
CA THR A 72 -17.02 -7.45 7.29
C THR A 72 -16.45 -7.36 5.87
N PHE A 73 -15.79 -8.43 5.42
CA PHE A 73 -15.26 -8.43 4.05
C PHE A 73 -16.41 -8.23 3.06
N ASP A 74 -17.51 -8.96 3.26
CA ASP A 74 -18.67 -8.83 2.39
C ASP A 74 -19.27 -7.42 2.42
N GLU A 75 -19.36 -6.84 3.61
CA GLU A 75 -19.91 -5.49 3.76
C GLU A 75 -19.05 -4.46 3.04
N LEU A 76 -17.73 -4.56 3.21
CA LEU A 76 -16.79 -3.65 2.57
C LEU A 76 -16.86 -3.77 1.06
N LEU A 77 -16.88 -5.00 0.56
CA LEU A 77 -16.93 -5.24 -0.88
C LEU A 77 -18.19 -4.66 -1.49
N GLY A 78 -19.32 -4.91 -0.84
CA GLY A 78 -20.60 -4.40 -1.32
C GLY A 78 -20.64 -2.89 -1.36
N TRP A 79 -20.11 -2.24 -0.34
CA TRP A 79 -20.13 -0.78 -0.30
C TRP A 79 -19.25 -0.24 -1.44
N THR A 80 -18.06 -0.80 -1.57
CA THR A 80 -17.11 -0.41 -2.59
C THR A 80 -17.75 -0.48 -3.98
N GLU A 81 -18.37 -1.62 -4.27
CA GLU A 81 -18.94 -1.82 -5.60
C GLU A 81 -20.08 -0.84 -5.85
N LEU A 82 -20.97 -0.67 -4.89
CA LEU A 82 -22.14 0.17 -5.06
C LEU A 82 -21.80 1.64 -5.20
N HIS A 83 -20.93 2.12 -4.32
CA HIS A 83 -20.69 3.57 -4.22
C HIS A 83 -19.50 4.07 -5.03
N LEU A 84 -18.50 3.23 -5.21
CA LEU A 84 -17.30 3.65 -5.95
C LEU A 84 -17.27 3.12 -7.38
N ALA A 85 -17.96 2.02 -7.65
CA ALA A 85 -17.82 1.35 -8.95
C ALA A 85 -19.13 1.18 -9.72
N GLY A 86 -20.10 2.06 -9.45
CA GLY A 86 -21.33 2.09 -10.23
C GLY A 86 -22.13 0.81 -10.16
N GLY A 87 -21.94 0.05 -9.09
CA GLY A 87 -22.66 -1.20 -8.91
C GLY A 87 -22.07 -2.38 -9.66
N ASP A 88 -20.92 -2.20 -10.30
CA ASP A 88 -20.31 -3.31 -11.04
C ASP A 88 -18.80 -3.21 -11.13
N LEU A 89 -18.10 -3.91 -10.25
CA LEU A 89 -16.64 -3.91 -10.27
C LEU A 89 -16.05 -4.67 -11.47
N THR A 90 -16.88 -5.39 -12.22
CA THR A 90 -16.40 -6.03 -13.45
C THR A 90 -16.43 -5.06 -14.61
N ALA A 91 -17.04 -3.90 -14.41
CA ALA A 91 -17.28 -2.95 -15.49
C ALA A 91 -16.40 -1.71 -15.42
N GLN A 92 -15.90 -1.38 -14.23
CA GLN A 92 -15.07 -0.20 -14.08
C GLN A 92 -14.24 -0.26 -12.80
N LEU A 93 -13.09 0.42 -12.83
CA LEU A 93 -12.28 0.62 -11.63
C LEU A 93 -13.03 1.53 -10.68
N PRO A 94 -12.87 1.32 -9.36
CA PRO A 94 -13.55 2.19 -8.40
C PRO A 94 -13.01 3.63 -8.39
N ALA A 95 -13.91 4.60 -8.24
CA ALA A 95 -13.52 5.99 -7.95
C ALA A 95 -12.73 6.00 -6.65
N TRP A 96 -11.77 6.91 -6.53
CA TRP A 96 -10.90 6.84 -5.36
C TRP A 96 -11.38 7.65 -4.16
N LEU A 97 -12.28 8.60 -4.39
CA LEU A 97 -12.65 9.55 -3.33
C LEU A 97 -14.17 9.78 -3.26
N TRP A 98 -14.73 9.62 -2.07
CA TRP A 98 -16.17 9.72 -1.85
C TRP A 98 -16.42 10.44 -0.53
N GLY A 99 -17.47 11.24 -0.45
CA GLY A 99 -17.81 11.92 0.78
C GLY A 99 -18.83 13.01 0.57
N THR A 100 -18.86 13.97 1.52
CA THR A 100 -19.86 15.01 1.49
C THR A 100 -19.52 16.08 0.46
N GLN A 101 -20.46 16.33 -0.45
CA GLN A 101 -20.31 17.37 -1.45
C GLN A 101 -20.73 18.71 -0.86
N PRO A 102 -20.39 19.83 -1.53
CA PRO A 102 -20.71 21.15 -0.98
C PRO A 102 -22.17 21.36 -0.59
N ASP A 103 -23.10 20.74 -1.33
CA ASP A 103 -24.52 20.90 -1.03
C ASP A 103 -25.03 20.05 0.13
N GLY A 104 -24.18 19.17 0.66
CA GLY A 104 -24.55 18.37 1.81
C GLY A 104 -24.86 16.92 1.48
N SER A 105 -25.03 16.62 0.19
CA SER A 105 -25.26 15.26 -0.23
C SER A 105 -23.94 14.49 -0.18
N GLN A 106 -24.02 13.17 -0.22
CA GLN A 106 -22.81 12.35 -0.29
C GLN A 106 -22.70 11.72 -1.66
N GLY A 107 -21.47 11.63 -2.17
CA GLY A 107 -21.25 11.04 -3.48
C GLY A 107 -19.79 11.07 -3.85
N ILE A 108 -19.49 10.68 -5.08
CA ILE A 108 -18.11 10.68 -5.56
C ILE A 108 -17.55 12.12 -5.63
N LEU A 109 -16.37 12.31 -5.03
CA LEU A 109 -15.71 13.61 -5.04
C LEU A 109 -14.64 13.68 -6.13
N ASP A 110 -14.13 12.52 -6.54
CA ASP A 110 -13.17 12.43 -7.63
C ASP A 110 -13.35 11.07 -8.28
N SER A 111 -13.71 11.09 -9.57
N SER A 111 -13.72 11.07 -9.56
CA SER A 111 -14.03 9.88 -10.32
CA SER A 111 -14.04 9.83 -10.27
C SER A 111 -12.81 9.11 -10.79
C SER A 111 -12.81 9.10 -10.82
N ASN A 112 -11.63 9.71 -10.71
CA ASN A 112 -10.40 9.05 -11.11
C ASN A 112 -10.17 7.80 -10.24
N SER A 113 -9.40 6.85 -10.75
CA SER A 113 -9.02 5.69 -9.96
C SER A 113 -7.68 5.94 -9.27
N ALA A 114 -7.39 5.11 -8.27
CA ALA A 114 -6.08 5.08 -7.64
C ALA A 114 -5.55 3.66 -7.79
N ALA A 115 -4.50 3.52 -8.58
CA ALA A 115 -4.01 2.20 -8.95
C ALA A 115 -3.52 1.37 -7.78
N ASP A 116 -2.95 2.03 -6.77
CA ASP A 116 -2.44 1.28 -5.62
C ASP A 116 -3.59 0.54 -4.95
N SER A 117 -4.70 1.24 -4.82
CA SER A 117 -5.89 0.69 -4.16
C SER A 117 -6.57 -0.35 -5.04
N ASP A 118 -6.61 -0.09 -6.35
CA ASP A 118 -7.15 -1.06 -7.29
C ASP A 118 -6.41 -2.37 -7.16
N LEU A 119 -5.09 -2.29 -7.04
CA LEU A 119 -4.25 -3.48 -6.91
C LEU A 119 -4.50 -4.21 -5.58
N TRP A 120 -4.59 -3.46 -4.49
CA TRP A 120 -4.91 -4.07 -3.20
C TRP A 120 -6.28 -4.73 -3.19
N ILE A 121 -7.27 -4.11 -3.83
CA ILE A 121 -8.60 -4.73 -3.90
C ILE A 121 -8.57 -6.02 -4.71
N ALA A 122 -7.93 -5.98 -5.87
CA ALA A 122 -7.81 -7.18 -6.69
C ALA A 122 -7.06 -8.30 -5.95
N TYR A 123 -5.95 -7.93 -5.32
CA TYR A 123 -5.18 -8.89 -4.53
C TYR A 123 -6.00 -9.50 -3.41
N SER A 124 -6.70 -8.66 -2.65
CA SER A 124 -7.50 -9.16 -1.53
C SER A 124 -8.60 -10.11 -1.99
N LEU A 125 -9.21 -9.80 -3.12
CA LEU A 125 -10.23 -10.67 -3.70
C LEU A 125 -9.65 -12.01 -4.14
N LEU A 126 -8.52 -11.97 -4.86
CA LEU A 126 -7.86 -13.19 -5.30
C LEU A 126 -7.45 -14.05 -4.11
N GLU A 127 -6.92 -13.43 -3.08
CA GLU A 127 -6.47 -14.19 -1.92
C GLU A 127 -7.62 -14.68 -1.06
N ALA A 128 -8.65 -13.86 -0.92
CA ALA A 128 -9.85 -14.31 -0.22
C ALA A 128 -10.50 -15.46 -0.99
N GLY A 129 -10.50 -15.37 -2.31
CA GLY A 129 -11.03 -16.45 -3.14
C GLY A 129 -10.31 -17.77 -2.87
N ARG A 130 -8.99 -17.70 -2.77
CA ARG A 130 -8.20 -18.90 -2.52
C ARG A 130 -8.39 -19.40 -1.09
N LEU A 131 -8.26 -18.50 -0.12
CA LEU A 131 -8.25 -18.88 1.29
C LEU A 131 -9.60 -19.35 1.79
N TRP A 132 -10.66 -18.77 1.23
CA TRP A 132 -12.04 -19.08 1.66
C TRP A 132 -12.76 -19.97 0.64
N ASP A 133 -12.05 -20.41 -0.39
CA ASP A 133 -12.63 -21.20 -1.48
C ASP A 133 -13.91 -20.57 -2.00
N ASN A 134 -13.82 -19.29 -2.32
CA ASN A 134 -14.94 -18.51 -2.81
C ASN A 134 -14.69 -18.20 -4.27
N HIS A 135 -15.41 -18.87 -5.16
CA HIS A 135 -15.16 -18.75 -6.59
C HIS A 135 -15.58 -17.39 -7.14
N TYR A 136 -16.56 -16.76 -6.53
CA TYR A 136 -16.94 -15.40 -6.89
C TYR A 136 -15.77 -14.44 -6.65
N TYR A 137 -15.18 -14.51 -5.46
CA TYR A 137 -14.07 -13.61 -5.14
C TYR A 137 -12.90 -13.85 -6.09
N GLN A 138 -12.62 -15.10 -6.40
CA GLN A 138 -11.56 -15.40 -7.37
C GLN A 138 -11.85 -14.75 -8.72
N SER A 139 -13.07 -14.91 -9.21
CA SER A 139 -13.43 -14.35 -10.51
C SER A 139 -13.40 -12.83 -10.48
N LEU A 140 -13.93 -12.23 -9.42
CA LEU A 140 -13.98 -10.77 -9.35
C LEU A 140 -12.59 -10.17 -9.29
N GLY A 141 -11.72 -10.79 -8.50
CA GLY A 141 -10.34 -10.32 -8.39
C GLY A 141 -9.62 -10.41 -9.72
N HIS A 142 -9.89 -11.49 -10.44
CA HIS A 142 -9.33 -11.68 -11.77
C HIS A 142 -9.81 -10.62 -12.76
N LEU A 143 -11.11 -10.37 -12.78
CA LEU A 143 -11.69 -9.40 -13.70
C LEU A 143 -11.23 -7.98 -13.38
N LEU A 144 -11.05 -7.70 -12.09
CA LEU A 144 -10.57 -6.37 -11.70
C LEU A 144 -9.11 -6.22 -12.13
N ALA A 145 -8.31 -7.25 -11.88
CA ALA A 145 -6.90 -7.22 -12.26
C ALA A 145 -6.72 -7.00 -13.77
N SER A 146 -7.58 -7.64 -14.57
N SER A 146 -7.58 -7.62 -14.59
CA SER A 146 -7.52 -7.51 -16.01
CA SER A 146 -7.45 -7.46 -16.04
C SER A 146 -7.84 -6.07 -16.43
C SER A 146 -7.85 -6.05 -16.45
N ARG A 147 -8.77 -5.45 -15.72
CA ARG A 147 -9.13 -4.07 -15.99
C ARG A 147 -8.03 -3.09 -15.59
N ILE A 148 -7.28 -3.39 -14.52
CA ILE A 148 -6.13 -2.57 -14.18
C ILE A 148 -5.17 -2.53 -15.35
N LEU A 149 -4.92 -3.69 -15.95
CA LEU A 149 -4.04 -3.76 -17.13
C LEU A 149 -4.56 -2.90 -18.27
N ARG A 150 -5.85 -2.98 -18.53
N ARG A 150 -5.86 -3.00 -18.51
CA ARG A 150 -6.42 -2.26 -19.66
CA ARG A 150 -6.50 -2.30 -19.62
C ARG A 150 -6.48 -0.75 -19.43
C ARG A 150 -6.51 -0.78 -19.43
N ASP A 151 -6.84 -0.35 -18.23
CA ASP A 151 -7.16 1.05 -17.98
C ASP A 151 -6.06 1.91 -17.36
N GLU A 152 -5.08 1.29 -16.70
CA GLU A 152 -4.07 2.11 -16.03
C GLU A 152 -2.67 1.52 -16.07
N THR A 153 -2.33 0.95 -17.21
CA THR A 153 -0.93 0.63 -17.50
C THR A 153 -0.59 1.20 -18.86
N ILE A 154 0.70 1.37 -19.11
CA ILE A 154 1.15 1.87 -20.40
C ILE A 154 2.58 1.42 -20.59
N LYS A 155 3.00 1.24 -21.83
CA LYS A 155 4.37 0.83 -22.12
C LYS A 155 5.17 2.06 -22.52
N VAL A 156 6.32 2.26 -21.89
CA VAL A 156 7.19 3.38 -22.24
C VAL A 156 8.59 2.89 -22.54
N SER A 157 9.34 3.69 -23.29
CA SER A 157 10.69 3.33 -23.71
C SER A 157 11.57 3.07 -22.48
N GLY A 158 12.34 1.99 -22.56
CA GLY A 158 13.33 1.66 -21.55
C GLY A 158 12.78 0.95 -20.34
N LEU A 159 11.69 1.48 -19.79
CA LEU A 159 11.15 0.94 -18.55
C LEU A 159 10.18 -0.21 -18.87
N GLY A 160 9.57 -0.17 -20.05
CA GLY A 160 8.61 -1.20 -20.43
C GLY A 160 7.23 -0.86 -19.91
N THR A 161 6.41 -1.88 -19.64
CA THR A 161 5.06 -1.66 -19.17
C THR A 161 5.08 -1.29 -17.70
N VAL A 162 4.45 -0.17 -17.36
CA VAL A 162 4.38 0.29 -15.98
C VAL A 162 2.93 0.36 -15.48
N LEU A 163 2.77 0.21 -14.17
CA LEU A 163 1.50 0.54 -13.52
C LEU A 163 1.45 2.06 -13.30
N LEU A 164 0.49 2.72 -13.93
CA LEU A 164 0.29 4.15 -13.72
C LEU A 164 -0.45 4.36 -12.41
N PRO A 165 -0.23 5.51 -11.74
CA PRO A 165 -0.89 5.76 -10.46
C PRO A 165 -2.41 5.93 -10.56
N GLY A 166 -2.94 6.12 -11.76
CA GLY A 166 -4.38 6.24 -11.94
C GLY A 166 -4.72 6.19 -13.41
N LYS A 167 -6.00 6.04 -13.73
CA LYS A 167 -6.38 5.85 -15.12
C LYS A 167 -6.18 7.09 -15.98
N VAL A 168 -6.12 8.27 -15.36
CA VAL A 168 -5.84 9.49 -16.09
C VAL A 168 -5.01 10.46 -15.26
N GLY A 169 -4.16 11.24 -15.93
CA GLY A 169 -3.42 12.31 -15.30
C GLY A 169 -1.96 12.04 -15.06
N PHE A 170 -1.48 10.86 -15.40
CA PHE A 170 -0.10 10.50 -15.06
C PHE A 170 0.81 10.25 -16.27
N VAL A 171 0.27 10.48 -17.47
CA VAL A 171 1.09 10.45 -18.66
C VAL A 171 1.43 11.90 -19.00
N LEU A 172 2.72 12.25 -18.86
CA LEU A 172 3.16 13.64 -18.91
C LEU A 172 3.77 14.06 -20.23
N GLY A 173 3.95 13.09 -21.13
CA GLY A 173 4.47 13.36 -22.46
C GLY A 173 4.75 12.06 -23.14
N LYS A 174 5.29 12.11 -24.35
CA LYS A 174 5.67 10.89 -25.04
C LYS A 174 6.74 10.15 -24.21
N ASN A 175 6.43 8.91 -23.85
CA ASN A 175 7.35 8.08 -23.06
C ASN A 175 7.75 8.72 -21.74
N HIS A 176 6.84 9.51 -21.18
CA HIS A 176 7.12 10.31 -20.00
C HIS A 176 5.95 10.15 -19.04
N VAL A 177 6.22 9.56 -17.88
CA VAL A 177 5.16 9.24 -16.94
C VAL A 177 5.52 9.63 -15.50
N ARG A 178 4.49 9.85 -14.68
N ARG A 178 4.48 9.83 -14.69
CA ARG A 178 4.67 10.13 -13.26
CA ARG A 178 4.63 10.13 -13.27
C ARG A 178 4.32 8.87 -12.49
C ARG A 178 4.32 8.86 -12.49
N LEU A 179 5.23 8.42 -11.63
CA LEU A 179 5.07 7.16 -10.93
C LEU A 179 5.18 7.33 -9.41
N ASN A 180 4.83 6.28 -8.68
CA ASN A 180 4.78 6.35 -7.22
C ASN A 180 5.27 5.02 -6.65
N PRO A 181 6.51 5.01 -6.11
CA PRO A 181 7.11 3.77 -5.60
C PRO A 181 6.23 2.98 -4.62
N SER A 182 5.51 3.67 -3.75
CA SER A 182 4.66 3.01 -2.76
C SER A 182 3.47 2.27 -3.35
N TYR A 183 3.14 2.56 -4.60
CA TYR A 183 1.98 1.97 -5.25
C TYR A 183 2.23 0.52 -5.72
N VAL A 184 3.47 0.08 -5.71
CA VAL A 184 3.81 -1.23 -6.27
C VAL A 184 4.53 -2.19 -5.30
N PRO A 185 3.78 -2.81 -4.38
CA PRO A 185 4.40 -3.84 -3.53
C PRO A 185 4.78 -5.01 -4.42
N LEU A 186 6.03 -5.44 -4.37
CA LEU A 186 6.48 -6.51 -5.25
C LEU A 186 5.76 -7.83 -4.98
N GLN A 187 5.35 -8.07 -3.74
CA GLN A 187 4.61 -9.30 -3.42
C GLN A 187 3.25 -9.36 -4.11
N LEU A 188 2.56 -8.23 -4.20
CA LEU A 188 1.28 -8.18 -4.90
C LEU A 188 1.48 -8.43 -6.38
N LEU A 189 2.52 -7.84 -6.96
CA LEU A 189 2.80 -8.02 -8.39
C LEU A 189 3.19 -9.46 -8.69
N THR A 190 3.98 -10.07 -7.81
CA THR A 190 4.30 -11.50 -7.95
C THR A 190 3.01 -12.33 -8.00
N ARG A 191 2.08 -12.05 -7.10
CA ARG A 191 0.84 -12.82 -7.02
C ARG A 191 -0.01 -12.72 -8.29
N MSE A 192 0.02 -11.57 -8.96
CA MSE A 192 -0.77 -11.40 -10.18
C MSE A 192 -0.36 -12.41 -11.25
O MSE A 192 -1.17 -12.79 -12.09
CB MSE A 192 -0.64 -9.99 -10.76
CG MSE A 192 -1.15 -8.88 -9.86
SE MSE A 192 -3.05 -9.05 -9.47
CE MSE A 192 -2.93 -9.09 -7.54
N ASN A 193 0.88 -12.88 -11.19
CA ASN A 193 1.41 -13.74 -12.26
C ASN A 193 1.43 -15.23 -11.93
N THR A 194 1.15 -15.63 -10.69
CA THR A 194 1.43 -17.01 -10.30
C THR A 194 0.38 -18.13 -10.54
N VAL A 195 -0.89 -17.79 -10.71
CA VAL A 195 -1.89 -18.83 -11.06
C VAL A 195 -2.28 -18.74 -12.53
N PHE A 196 -2.51 -17.51 -12.99
CA PHE A 196 -2.76 -17.24 -14.39
C PHE A 196 -1.64 -16.36 -14.92
N PRO A 197 -0.58 -17.00 -15.44
CA PRO A 197 0.59 -16.31 -15.95
C PRO A 197 0.22 -15.23 -16.98
N SER A 198 0.96 -14.13 -16.97
CA SER A 198 0.63 -12.98 -17.81
C SER A 198 1.90 -12.23 -18.16
N TYR A 199 2.20 -12.11 -19.45
CA TYR A 199 3.38 -11.38 -19.88
C TYR A 199 3.35 -9.92 -19.41
N GLN A 200 2.14 -9.36 -19.35
N GLN A 200 2.15 -9.35 -19.34
CA GLN A 200 1.98 -7.97 -18.90
CA GLN A 200 2.01 -7.97 -18.88
C GLN A 200 2.33 -7.82 -17.42
C GLN A 200 2.36 -7.82 -17.41
N TRP A 201 1.81 -8.70 -16.57
CA TRP A 201 2.12 -8.62 -15.14
C TRP A 201 3.58 -8.91 -14.85
N GLU A 202 4.19 -9.78 -15.65
CA GLU A 202 5.62 -10.03 -15.54
C GLU A 202 6.40 -8.75 -15.85
N GLU A 203 6.00 -8.04 -16.91
CA GLU A 203 6.66 -6.78 -17.27
C GLU A 203 6.49 -5.73 -16.18
N ILE A 204 5.30 -5.68 -15.59
CA ILE A 204 5.03 -4.71 -14.53
C ILE A 204 5.84 -5.00 -13.26
N TYR A 205 6.03 -6.29 -12.96
CA TYR A 205 6.90 -6.64 -11.85
C TYR A 205 8.30 -6.07 -12.14
N GLN A 206 8.82 -6.31 -13.34
CA GLN A 206 10.16 -5.86 -13.68
C GLN A 206 10.35 -4.34 -13.66
N SER A 207 9.39 -3.59 -14.21
CA SER A 207 9.51 -2.12 -14.20
C SER A 207 9.38 -1.57 -12.79
N SER A 208 8.54 -2.21 -11.99
CA SER A 208 8.35 -1.78 -10.61
C SER A 208 9.63 -2.02 -9.80
N ALA A 209 10.27 -3.17 -10.01
CA ALA A 209 11.53 -3.45 -9.31
C ALA A 209 12.59 -2.41 -9.68
N LYS A 210 12.64 -2.05 -10.96
CA LYS A 210 13.58 -1.07 -11.45
C LYS A 210 13.29 0.29 -10.82
N LEU A 211 12.01 0.65 -10.79
CA LEU A 211 11.57 1.90 -10.16
C LEU A 211 12.05 1.98 -8.71
N LEU A 212 11.80 0.92 -7.95
CA LEU A 212 12.18 0.90 -6.54
C LEU A 212 13.69 1.02 -6.34
N LYS A 213 14.45 0.23 -7.09
CA LYS A 213 15.89 0.16 -6.89
C LYS A 213 16.66 1.38 -7.37
N GLU A 214 16.10 2.10 -8.34
CA GLU A 214 16.87 3.16 -9.01
C GLU A 214 16.51 4.58 -8.59
N THR A 215 15.58 4.72 -7.66
CA THR A 215 15.17 6.05 -7.23
C THR A 215 15.40 6.30 -5.74
N MSE A 216 16.27 5.47 -5.14
CA MSE A 216 16.61 5.63 -3.72
C MSE A 216 18.13 5.72 -3.50
O MSE A 216 18.73 4.82 -2.92
CB MSE A 216 16.01 4.48 -2.88
CG MSE A 216 16.29 3.07 -3.42
SE MSE A 216 15.90 1.66 -2.12
CE MSE A 216 14.00 1.94 -2.03
N PRO A 217 18.74 6.82 -3.96
CA PRO A 217 20.21 6.92 -3.91
C PRO A 217 20.80 6.83 -2.49
N LYS A 218 20.01 7.17 -1.48
CA LYS A 218 20.47 6.99 -0.10
C LYS A 218 19.62 5.98 0.67
N GLY A 219 18.90 5.15 -0.07
CA GLY A 219 18.05 4.17 0.56
C GLY A 219 16.71 4.71 0.98
N TYR A 220 16.38 5.93 0.57
CA TYR A 220 15.05 6.48 0.80
C TYR A 220 14.26 6.66 -0.48
N SER A 221 13.02 6.20 -0.46
N SER A 221 13.01 6.22 -0.46
CA SER A 221 12.13 6.34 -1.63
CA SER A 221 12.15 6.31 -1.63
C SER A 221 11.39 7.66 -1.61
C SER A 221 11.35 7.61 -1.62
N PRO A 222 11.25 8.28 -2.78
CA PRO A 222 10.39 9.48 -2.86
C PRO A 222 8.91 9.11 -2.93
N ASP A 223 8.03 10.04 -2.58
CA ASP A 223 6.59 9.85 -2.77
C ASP A 223 6.28 9.68 -4.26
N TRP A 224 6.84 10.56 -5.08
CA TRP A 224 6.56 10.59 -6.51
C TRP A 224 7.87 10.74 -7.25
N VAL A 225 7.94 10.22 -8.47
CA VAL A 225 9.11 10.38 -9.32
C VAL A 225 8.67 10.21 -10.77
N GLU A 226 9.39 10.84 -11.70
CA GLU A 226 9.02 10.74 -13.10
C GLU A 226 10.01 9.86 -13.84
N TRP A 227 9.52 9.15 -14.85
CA TRP A 227 10.39 8.57 -15.84
C TRP A 227 10.20 9.36 -17.11
N ASP A 228 11.27 9.98 -17.59
CA ASP A 228 11.20 10.79 -18.78
C ASP A 228 12.08 10.19 -19.86
N LYS A 229 11.50 9.26 -20.61
CA LYS A 229 12.09 8.64 -21.79
C LYS A 229 13.23 7.66 -21.51
N THR A 230 14.24 8.11 -20.77
CA THR A 230 15.48 7.38 -20.64
C THR A 230 16.07 7.42 -19.24
N GLN A 231 15.36 8.04 -18.30
CA GLN A 231 15.90 8.20 -16.96
C GLN A 231 14.82 8.63 -16.01
N PHE A 232 15.04 8.38 -14.73
CA PHE A 232 14.17 8.93 -13.70
C PHE A 232 14.57 10.37 -13.40
N LYS A 233 13.57 11.19 -13.08
CA LYS A 233 13.78 12.60 -12.77
C LYS A 233 12.95 12.99 -11.57
N LYS A 234 13.46 13.94 -10.78
CA LYS A 234 12.74 14.52 -9.66
C LYS A 234 11.32 14.93 -10.09
N ASP A 235 10.34 14.57 -9.29
CA ASP A 235 8.95 14.93 -9.60
C ASP A 235 8.79 16.44 -9.60
N SER A 236 8.20 16.99 -10.64
CA SER A 236 8.12 18.44 -10.78
C SER A 236 7.19 19.08 -9.76
N LYS A 237 6.29 18.29 -9.19
CA LYS A 237 5.37 18.79 -8.18
C LYS A 237 5.85 18.49 -6.76
N ALA A 238 6.15 17.22 -6.49
CA ALA A 238 6.48 16.79 -5.14
C ALA A 238 7.96 16.92 -4.80
N GLN A 239 8.78 17.19 -5.82
CA GLN A 239 10.22 17.30 -5.62
C GLN A 239 10.81 16.03 -5.01
N SER A 240 11.75 16.19 -4.09
CA SER A 240 12.51 15.05 -3.56
C SER A 240 11.96 14.52 -2.24
N VAL A 241 10.70 14.83 -1.94
CA VAL A 241 10.11 14.48 -0.65
C VAL A 241 9.69 13.01 -0.57
N GLY A 242 10.11 12.36 0.52
CA GLY A 242 9.55 11.08 0.91
C GLY A 242 8.77 11.30 2.20
N SER A 243 7.51 10.92 2.20
N SER A 243 7.49 10.95 2.20
CA SER A 243 6.65 11.18 3.36
CA SER A 243 6.67 11.15 3.39
C SER A 243 5.67 10.04 3.57
C SER A 243 5.66 10.03 3.58
N TYR A 244 4.40 10.38 3.80
CA TYR A 244 3.39 9.36 4.10
C TYR A 244 3.12 8.32 3.03
N ASN A 245 3.21 8.71 1.76
CA ASN A 245 3.12 7.71 0.68
C ASN A 245 4.30 6.77 0.77
N ALA A 246 5.49 7.35 0.71
CA ALA A 246 6.73 6.59 0.56
C ALA A 246 7.07 5.68 1.74
N ILE A 247 6.56 5.97 2.93
CA ILE A 247 6.91 5.16 4.09
C ILE A 247 6.47 3.71 3.86
N ARG A 248 5.46 3.53 3.00
CA ARG A 248 4.97 2.19 2.69
C ARG A 248 5.96 1.35 1.87
N VAL A 249 6.88 2.00 1.18
CA VAL A 249 7.91 1.24 0.46
C VAL A 249 8.68 0.35 1.42
N TYR A 250 9.08 0.90 2.56
CA TYR A 250 9.84 0.15 3.56
C TYR A 250 8.98 -0.95 4.16
N LEU A 251 7.69 -0.65 4.30
CA LEU A 251 6.73 -1.61 4.83
C LEU A 251 6.61 -2.83 3.92
N TRP A 252 6.34 -2.61 2.63
CA TRP A 252 6.19 -3.74 1.70
C TRP A 252 7.49 -4.51 1.57
N ALA A 253 8.61 -3.79 1.49
CA ALA A 253 9.89 -4.44 1.25
C ALA A 253 10.31 -5.29 2.45
N GLY A 254 10.06 -4.78 3.65
CA GLY A 254 10.40 -5.50 4.88
C GLY A 254 9.59 -6.77 5.04
N MSE A 255 8.44 -6.84 4.38
CA MSE A 255 7.58 -8.02 4.46
C MSE A 255 7.75 -8.96 3.26
O MSE A 255 7.04 -9.96 3.16
CB MSE A 255 6.11 -7.62 4.62
CG MSE A 255 5.86 -6.78 5.87
SE MSE A 255 3.96 -6.55 6.20
CE MSE A 255 3.48 -5.44 4.67
N LEU A 256 8.68 -8.66 2.36
CA LEU A 256 8.95 -9.58 1.26
C LEU A 256 9.57 -10.87 1.78
N PRO A 257 9.26 -12.00 1.12
CA PRO A 257 10.00 -13.23 1.39
C PRO A 257 11.39 -13.08 0.76
N ASP A 258 12.40 -13.73 1.32
N ASP A 258 12.40 -13.73 1.35
CA ASP A 258 13.74 -13.58 0.78
CA ASP A 258 13.77 -13.66 0.83
C ASP A 258 13.91 -14.33 -0.54
C ASP A 258 13.88 -14.29 -0.56
N SER A 259 12.88 -15.10 -0.91
CA SER A 259 12.82 -15.70 -2.23
C SER A 259 12.83 -14.64 -3.33
N ASP A 260 12.32 -13.46 -3.02
CA ASP A 260 12.32 -12.37 -3.98
C ASP A 260 13.74 -11.80 -4.04
N PRO A 261 14.39 -11.87 -5.21
CA PRO A 261 15.79 -11.44 -5.29
C PRO A 261 15.94 -9.96 -5.02
N ASN A 262 14.87 -9.19 -5.25
CA ASN A 262 14.95 -7.76 -5.04
C ASN A 262 14.96 -7.36 -3.58
N LYS A 263 14.55 -8.26 -2.69
CA LYS A 263 14.54 -7.91 -1.27
C LYS A 263 15.94 -7.58 -0.78
N ALA A 264 16.90 -8.43 -1.09
CA ALA A 264 18.27 -8.22 -0.63
C ALA A 264 18.83 -6.93 -1.21
N LEU A 265 18.50 -6.66 -2.47
CA LEU A 265 19.00 -5.46 -3.14
C LEU A 265 18.44 -4.20 -2.50
N LEU A 266 17.13 -4.20 -2.22
CA LEU A 266 16.50 -3.05 -1.60
C LEU A 266 17.00 -2.83 -0.17
N LEU A 267 17.00 -3.90 0.62
CA LEU A 267 17.43 -3.78 2.01
C LEU A 267 18.90 -3.40 2.13
N GLY A 268 19.70 -3.80 1.15
CA GLY A 268 21.12 -3.48 1.15
C GLY A 268 21.38 -1.98 1.09
N LYS A 269 20.37 -1.21 0.69
CA LYS A 269 20.49 0.23 0.55
C LYS A 269 20.00 0.99 1.78
N MSE A 270 19.44 0.26 2.75
CA MSE A 270 18.68 0.91 3.82
C MSE A 270 19.41 1.10 5.16
O MSE A 270 18.78 1.35 6.18
CB MSE A 270 17.30 0.24 4.01
CG MSE A 270 16.28 0.63 2.93
SE MSE A 270 14.81 -0.63 2.74
CE MSE A 270 14.17 -0.05 1.00
N LYS A 271 20.73 1.01 5.15
CA LYS A 271 21.48 1.32 6.36
C LYS A 271 21.24 2.75 6.90
N PRO A 272 21.16 3.76 6.02
CA PRO A 272 20.87 5.09 6.58
C PRO A 272 19.57 5.16 7.39
N LEU A 273 18.52 4.49 6.91
CA LEU A 273 17.26 4.48 7.64
C LEU A 273 17.44 3.89 9.04
N LEU A 274 18.20 2.80 9.13
CA LEU A 274 18.42 2.16 10.43
C LEU A 274 19.11 3.12 11.39
N ARG A 275 20.00 3.94 10.86
CA ARG A 275 20.70 4.90 11.71
C ARG A 275 19.78 6.02 12.14
N VAL A 276 18.86 6.42 11.27
CA VAL A 276 17.83 7.38 11.64
C VAL A 276 17.00 6.87 12.83
N ILE A 277 16.65 5.59 12.80
CA ILE A 277 15.89 5.02 13.92
C ILE A 277 16.73 5.01 15.21
N GLU A 278 18.01 4.66 15.09
CA GLU A 278 18.91 4.65 16.25
C GLU A 278 18.98 6.02 16.91
N ARG A 279 19.07 7.04 16.08
CA ARG A 279 19.32 8.41 16.56
C ARG A 279 18.04 9.16 16.92
N ASN A 280 17.03 9.04 16.07
CA ASN A 280 15.81 9.84 16.21
C ASN A 280 14.61 9.08 16.75
N LYS A 281 14.74 7.75 16.82
CA LYS A 281 13.71 6.84 17.34
C LYS A 281 12.49 6.72 16.42
N GLY A 282 12.60 7.23 15.20
CA GLY A 282 11.51 7.17 14.24
C GLY A 282 11.87 7.95 12.99
N MSE A 283 11.14 7.72 11.90
CA MSE A 283 11.41 8.43 10.66
C MSE A 283 10.75 9.83 10.73
O MSE A 283 9.83 10.04 11.53
CB MSE A 283 10.95 7.57 9.44
CG MSE A 283 12.02 6.48 8.98
SE MSE A 283 13.30 7.24 7.68
CE MSE A 283 12.16 7.54 6.13
N PRO A 284 11.24 10.79 9.94
CA PRO A 284 10.68 12.15 10.01
C PRO A 284 9.40 12.25 9.20
N GLU A 285 8.64 13.31 9.40
CA GLU A 285 7.42 13.53 8.62
C GLU A 285 7.73 13.59 7.13
N THR A 286 8.76 14.35 6.76
CA THR A 286 9.22 14.36 5.38
C THR A 286 10.72 14.17 5.39
N ILE A 287 11.24 13.50 4.37
CA ILE A 287 12.68 13.37 4.22
C ILE A 287 13.07 13.76 2.81
N ASN A 288 14.24 14.38 2.66
CA ASN A 288 14.77 14.69 1.34
C ASN A 288 15.55 13.47 0.88
N VAL A 289 15.09 12.82 -0.19
CA VAL A 289 15.68 11.54 -0.58
C VAL A 289 17.08 11.68 -1.16
N LEU A 290 17.47 12.89 -1.51
CA LEU A 290 18.80 13.15 -2.03
C LEU A 290 19.83 13.38 -0.93
N THR A 291 19.39 13.93 0.20
CA THR A 291 20.32 14.29 1.28
C THR A 291 20.20 13.41 2.52
N GLY A 292 19.05 12.76 2.66
CA GLY A 292 18.80 11.96 3.85
C GLY A 292 18.44 12.79 5.06
N LYS A 293 18.22 14.08 4.86
CA LYS A 293 17.85 14.96 5.96
C LYS A 293 16.35 15.15 6.01
N GLY A 294 15.77 15.05 7.20
CA GLY A 294 14.33 15.07 7.36
C GLY A 294 13.79 16.19 8.22
N LYS A 295 12.49 16.44 8.09
CA LYS A 295 11.79 17.49 8.83
C LYS A 295 10.69 16.92 9.72
N ASN A 296 10.66 17.38 10.97
CA ASN A 296 9.62 17.05 11.95
C ASN A 296 9.58 15.59 12.37
N GLN A 297 8.74 15.28 13.37
CA GLN A 297 8.55 13.90 13.81
C GLN A 297 7.41 13.26 13.04
N GLY A 298 7.57 11.99 12.70
CA GLY A 298 6.65 11.32 11.78
C GLY A 298 5.42 10.70 12.41
N GLY A 299 5.61 10.04 13.54
CA GLY A 299 4.48 9.49 14.29
C GLY A 299 4.40 7.98 14.37
N VAL A 300 3.44 7.49 15.14
CA VAL A 300 3.35 6.06 15.43
C VAL A 300 3.10 5.21 14.17
N GLY A 301 2.40 5.77 13.18
CA GLY A 301 2.11 5.03 11.97
C GLY A 301 3.38 4.75 11.21
N MSE A 302 4.20 5.79 11.03
CA MSE A 302 5.47 5.61 10.34
C MSE A 302 6.41 4.68 11.09
O MSE A 302 7.17 3.93 10.49
CB MSE A 302 6.17 6.94 10.14
CG MSE A 302 5.56 7.81 9.08
SE MSE A 302 6.78 9.27 8.76
CE MSE A 302 6.05 9.92 7.10
N ASN A 303 6.34 4.73 12.42
CA ASN A 303 7.19 3.86 13.22
C ASN A 303 6.81 2.39 13.08
N ALA A 304 5.50 2.12 13.00
CA ALA A 304 5.03 0.77 12.75
C ALA A 304 5.36 0.32 11.32
N ALA A 305 5.30 1.26 10.38
CA ALA A 305 5.57 0.93 8.98
C ALA A 305 6.99 0.42 8.78
N ILE A 306 7.93 0.88 9.59
CA ILE A 306 9.32 0.45 9.43
C ILE A 306 9.68 -0.76 10.31
N LEU A 307 8.74 -1.22 11.11
CA LEU A 307 9.00 -2.31 12.04
C LEU A 307 9.44 -3.63 11.36
N PRO A 308 8.76 -4.06 10.29
CA PRO A 308 9.28 -5.26 9.61
C PRO A 308 10.74 -5.10 9.13
N LEU A 309 11.07 -3.97 8.52
CA LEU A 309 12.44 -3.68 8.11
C LEU A 309 13.40 -3.69 9.32
N LEU A 310 13.00 -3.02 10.39
CA LEU A 310 13.81 -2.94 11.61
C LEU A 310 14.13 -4.33 12.16
N SER A 311 13.19 -5.26 12.00
CA SER A 311 13.38 -6.60 12.55
C SER A 311 14.29 -7.47 11.68
N SER A 312 14.62 -6.97 10.49
N SER A 312 14.63 -6.99 10.49
CA SER A 312 15.26 -7.78 9.46
CA SER A 312 15.30 -7.82 9.49
C SER A 312 16.73 -7.46 9.23
C SER A 312 16.75 -7.47 9.22
N LEU A 313 17.23 -6.37 9.82
CA LEU A 313 18.61 -5.93 9.61
C LEU A 313 19.27 -5.55 10.92
N ASP A 314 20.61 -5.51 10.94
CA ASP A 314 21.33 -5.17 12.16
C ASP A 314 21.25 -3.70 12.51
N SER A 315 21.00 -3.41 13.78
CA SER A 315 21.15 -2.04 14.30
C SER A 315 21.21 -2.09 15.81
N ASN A 316 21.40 -0.93 16.43
CA ASN A 316 21.51 -0.86 17.88
C ASN A 316 20.16 -0.69 18.55
N THR A 317 19.10 -0.65 17.76
CA THR A 317 17.77 -0.46 18.30
C THR A 317 17.26 -1.79 18.86
N ASN A 318 16.79 -1.77 20.10
CA ASN A 318 16.14 -2.96 20.63
C ASN A 318 14.74 -3.04 20.05
N VAL A 319 14.53 -4.04 19.20
CA VAL A 319 13.29 -4.14 18.44
C VAL A 319 12.10 -4.42 19.35
N ALA A 320 12.30 -5.32 20.32
CA ALA A 320 11.24 -5.65 21.27
C ALA A 320 10.75 -4.41 22.01
N GLU A 321 11.70 -3.59 22.47
N GLU A 321 11.70 -3.60 22.47
CA GLU A 321 11.35 -2.37 23.18
CA GLU A 321 11.37 -2.37 23.18
C GLU A 321 10.73 -1.33 22.25
C GLU A 321 10.73 -1.34 22.25
N TYR A 322 11.16 -1.33 21.00
CA TYR A 322 10.59 -0.44 19.99
C TYR A 322 9.11 -0.76 19.76
N GLU A 323 8.80 -2.05 19.70
CA GLU A 323 7.41 -2.48 19.48
C GLU A 323 6.54 -2.17 20.70
N LYS A 324 7.11 -2.29 21.90
CA LYS A 324 6.41 -1.94 23.12
C LYS A 324 6.00 -0.48 23.12
N LYS A 325 6.88 0.38 22.62
N LYS A 325 6.88 0.37 22.59
CA LYS A 325 6.59 1.81 22.53
CA LYS A 325 6.65 1.81 22.50
C LYS A 325 5.43 2.09 21.59
C LYS A 325 5.47 2.11 21.58
N ILE A 326 5.40 1.39 20.46
CA ILE A 326 4.31 1.55 19.50
C ILE A 326 3.00 1.14 20.16
N GLN A 327 3.01 0.00 20.86
N GLN A 327 3.00 0.01 20.86
CA GLN A 327 1.83 -0.50 21.56
CA GLN A 327 1.79 -0.47 21.53
C GLN A 327 1.30 0.54 22.54
C GLN A 327 1.28 0.55 22.54
N ALA A 328 2.19 1.17 23.27
CA ALA A 328 1.83 2.17 24.27
C ALA A 328 1.14 3.38 23.65
N GLU A 329 1.38 3.61 22.37
CA GLU A 329 0.83 4.77 21.66
C GLU A 329 -0.52 4.47 21.01
N LEU A 330 -0.89 3.20 20.94
CA LEU A 330 -2.14 2.81 20.27
C LEU A 330 -3.44 3.48 20.77
N PRO A 331 -3.60 3.68 22.10
CA PRO A 331 -4.82 4.35 22.56
C PRO A 331 -5.02 5.72 21.92
N LYS A 332 -3.91 6.39 21.60
CA LYS A 332 -3.98 7.73 21.03
C LYS A 332 -4.48 7.76 19.59
N ILE A 333 -4.44 6.62 18.91
CA ILE A 333 -4.99 6.55 17.55
C ILE A 333 -6.26 5.69 17.45
N GLU A 334 -6.90 5.44 18.60
CA GLU A 334 -8.12 4.62 18.64
C GLU A 334 -9.16 5.17 17.68
N SER A 335 -9.31 6.48 17.66
N SER A 335 -9.31 6.49 17.68
CA SER A 335 -10.16 7.13 16.68
CA SER A 335 -10.18 7.19 16.73
C SER A 335 -9.46 8.37 16.14
C SER A 335 -9.43 8.36 16.12
N ASP A 336 -9.99 8.92 15.05
CA ASP A 336 -9.51 10.18 14.45
C ASP A 336 -8.18 10.14 13.72
N TYR A 337 -7.56 8.95 13.65
CA TYR A 337 -6.28 8.79 12.99
C TYR A 337 -6.27 7.58 12.05
N TYR A 338 -7.04 7.69 10.98
CA TYR A 338 -7.19 6.63 10.00
C TYR A 338 -5.84 6.10 9.48
N TYR A 339 -4.97 7.00 9.04
CA TYR A 339 -3.77 6.55 8.34
C TYR A 339 -2.79 5.89 9.29
N ASN A 340 -2.57 6.50 10.45
CA ASN A 340 -1.73 5.85 11.45
C ASN A 340 -2.29 4.49 11.84
N SER A 341 -3.61 4.38 11.87
CA SER A 341 -4.25 3.12 12.23
C SER A 341 -3.99 2.02 11.21
N VAL A 342 -4.12 2.32 9.91
CA VAL A 342 -3.83 1.27 8.93
C VAL A 342 -2.34 0.90 8.88
N LEU A 343 -1.47 1.88 9.09
CA LEU A 343 -0.05 1.57 9.09
C LEU A 343 0.31 0.66 10.27
N THR A 344 -0.31 0.91 11.42
CA THR A 344 -0.05 0.06 12.58
C THR A 344 -0.66 -1.32 12.41
N LEU A 345 -1.83 -1.41 11.75
CA LEU A 345 -2.40 -2.71 11.46
C LEU A 345 -1.46 -3.54 10.59
N PHE A 346 -0.93 -2.92 9.52
CA PHE A 346 0.04 -3.62 8.68
C PHE A 346 1.28 -4.04 9.47
N GLY A 347 1.93 -3.07 10.11
CA GLY A 347 3.23 -3.29 10.70
C GLY A 347 3.23 -4.13 11.96
N LEU A 348 2.32 -3.81 12.89
CA LEU A 348 2.21 -4.61 14.11
C LEU A 348 1.63 -5.97 13.81
N GLY A 349 0.68 -6.03 12.86
CA GLY A 349 0.06 -7.29 12.50
C GLY A 349 1.11 -8.26 12.02
N TRP A 350 2.00 -7.78 11.16
CA TRP A 350 3.07 -8.62 10.64
C TRP A 350 4.04 -9.03 11.75
N TYR A 351 4.44 -8.05 12.55
CA TYR A 351 5.40 -8.32 13.62
C TYR A 351 4.87 -9.38 14.60
N GLN A 352 3.57 -9.30 14.87
CA GLN A 352 2.93 -10.22 15.81
C GLN A 352 2.51 -11.54 15.16
N ASP A 353 2.99 -11.77 13.95
CA ASP A 353 2.84 -13.06 13.26
C ASP A 353 1.41 -13.35 12.86
N LEU A 354 0.65 -12.32 12.52
CA LEU A 354 -0.74 -12.51 12.11
C LEU A 354 -0.88 -12.85 10.63
N TYR A 355 0.13 -12.50 9.83
CA TYR A 355 0.16 -12.88 8.41
C TYR A 355 1.60 -12.80 7.89
N SER A 356 1.88 -13.58 6.86
CA SER A 356 3.19 -13.55 6.20
C SER A 356 2.99 -13.77 4.71
N PHE A 357 3.87 -13.21 3.90
CA PHE A 357 3.83 -13.41 2.44
C PHE A 357 4.69 -14.58 2.00
N ASN A 358 4.23 -15.28 0.98
CA ASN A 358 4.91 -16.48 0.48
C ASN A 358 5.69 -16.21 -0.79
N ASP A 359 6.46 -17.20 -1.24
CA ASP A 359 7.31 -17.00 -2.41
C ASP A 359 6.53 -16.69 -3.69
N ASP A 360 5.25 -17.08 -3.72
CA ASP A 360 4.41 -16.81 -4.89
C ASP A 360 3.56 -15.56 -4.73
N GLY A 361 3.84 -14.79 -3.68
CA GLY A 361 3.14 -13.54 -3.44
C GLY A 361 1.84 -13.69 -2.69
N SER A 362 1.44 -14.93 -2.44
CA SER A 362 0.20 -15.17 -1.69
C SER A 362 0.45 -14.84 -0.23
N VAL A 363 -0.64 -14.79 0.55
CA VAL A 363 -0.55 -14.49 1.97
C VAL A 363 -1.12 -15.63 2.80
N THR A 364 -0.45 -15.96 3.89
CA THR A 364 -0.95 -16.97 4.82
C THR A 364 -1.25 -16.33 6.16
N PRO A 365 -2.54 -16.11 6.46
CA PRO A 365 -2.93 -15.62 7.78
C PRO A 365 -2.67 -16.66 8.86
N LYS A 366 -2.49 -16.18 10.09
CA LYS A 366 -2.26 -17.05 11.23
C LYS A 366 -3.37 -18.10 11.40
N TRP A 367 -4.59 -17.73 11.04
CA TRP A 367 -5.72 -18.63 11.28
C TRP A 367 -5.69 -19.90 10.43
N VAL A 368 -4.91 -19.90 9.36
CA VAL A 368 -4.84 -21.05 8.49
C VAL A 368 -4.16 -22.21 9.19
N ASN A 369 -3.02 -21.94 9.80
CA ASN A 369 -2.21 -23.00 10.40
C ASN A 369 -2.11 -22.91 11.92
C1 GOL B . 1.32 -16.05 9.97
O1 GOL B . 2.33 -15.06 9.96
C2 GOL B . 1.80 -17.30 9.26
O2 GOL B . 2.00 -17.00 7.89
C3 GOL B . 3.14 -17.75 9.84
O3 GOL B . 3.50 -18.97 9.21
C1 GOL C . -5.31 7.92 -1.20
O1 GOL C . -4.99 8.92 -0.25
C2 GOL C . -4.50 8.17 -2.47
O2 GOL C . -3.12 8.12 -2.19
C3 GOL C . -4.84 7.16 -3.55
O3 GOL C . -4.81 5.84 -3.07
C1 GOL D . 15.49 10.01 -9.23
O1 GOL D . 15.13 11.34 -9.49
C2 GOL D . 16.59 10.00 -8.17
O2 GOL D . 17.13 8.70 -8.10
C3 GOL D . 16.03 10.42 -6.82
O3 GOL D . 14.85 9.70 -6.50
CL CL E . -2.04 -20.29 2.76
NI NI F . -11.84 -24.29 -8.01
#